data_4CNF
#
_entry.id   4CNF
#
_cell.length_a   45.138
_cell.length_b   53.702
_cell.length_c   130.308
_cell.angle_alpha   90.00
_cell.angle_beta   90.00
_cell.angle_gamma   90.00
#
_symmetry.space_group_name_H-M   'P 21 2 21'
#
loop_
_entity.id
_entity.type
_entity.pdbx_description
1 polymer 'SPOU RRNA METHYLASE'
2 non-polymer GLYCEROL
3 non-polymer DI(HYDROXYETHYL)ETHER
4 non-polymer "5'-DEOXY-5'-METHYLTHIOADENOSINE"
5 water water
#
_entity_poly.entity_id   1
_entity_poly.type   'polypeptide(L)'
_entity_poly.pdbx_seq_one_letter_code
;MGSSHHHHHHSSGLVPRGSHMTIRLVIVEPEGAYNLGFIARLVKNFLIDEFYVVNPKADINEAIKFSAKGSEVIEKMMKI
TNNFDDAIRDVDLKIATSSIADIKGDLLRKSIRPIDLERLIKDKKVAFIFGRESVGLTREEIAKSDFLLFIPANPEYPVL
NLSHAVGIVLYELWRNRDNKVPTVSSEPIKLIDDYSKKITDILVNKEATKSMYLVLKRVLIKGIEDNEEAMTIVRILRKI
YVRLAKKENESDKLL
;
_entity_poly.pdbx_strand_id   A,B
#
loop_
_chem_comp.id
_chem_comp.type
_chem_comp.name
_chem_comp.formula
GOL non-polymer GLYCEROL 'C3 H8 O3'
MTA non-polymer 5'-DEOXY-5'-METHYLTHIOADENOSINE 'C11 H15 N5 O3 S'
PEG non-polymer DI(HYDROXYETHYL)ETHER 'C4 H10 O3'
#
# COMPACT_ATOMS: atom_id res chain seq x y z
N MET A 21 4.21 -23.07 2.41
CA MET A 21 3.26 -21.94 2.23
C MET A 21 3.58 -21.20 0.93
N THR A 22 2.64 -21.25 0.01
CA THR A 22 2.77 -20.67 -1.32
C THR A 22 1.63 -19.67 -1.54
N ILE A 23 1.94 -18.52 -2.13
CA ILE A 23 0.97 -17.46 -2.31
C ILE A 23 0.74 -17.18 -3.78
N ARG A 24 -0.52 -17.23 -4.19
CA ARG A 24 -0.95 -16.78 -5.51
C ARG A 24 -1.75 -15.53 -5.32
N LEU A 25 -1.36 -14.48 -6.03
CA LEU A 25 -2.14 -13.26 -6.06
C LEU A 25 -3.02 -13.34 -7.30
N VAL A 26 -4.33 -13.14 -7.12
CA VAL A 26 -5.32 -13.13 -8.22
C VAL A 26 -6.01 -11.78 -8.26
N ILE A 27 -5.82 -11.08 -9.38
CA ILE A 27 -6.44 -9.78 -9.59
C ILE A 27 -7.51 -9.91 -10.67
N VAL A 28 -8.76 -9.61 -10.31
CA VAL A 28 -9.88 -9.85 -11.22
C VAL A 28 -10.20 -8.58 -12.00
N GLU A 29 -10.02 -8.69 -13.33
CA GLU A 29 -10.36 -7.62 -14.25
C GLU A 29 -9.88 -6.22 -13.82
N PRO A 30 -8.58 -6.11 -13.60
CA PRO A 30 -8.07 -4.79 -13.25
C PRO A 30 -8.26 -3.80 -14.40
N GLU A 31 -8.66 -2.59 -14.01
CA GLU A 31 -9.02 -1.50 -14.96
C GLU A 31 -7.93 -0.47 -15.16
N GLY A 32 -7.17 -0.18 -14.12
CA GLY A 32 -6.15 0.84 -14.18
C GLY A 32 -4.75 0.32 -14.46
N ALA A 33 -4.09 0.86 -15.48
CA ALA A 33 -2.69 0.49 -15.76
C ALA A 33 -1.78 0.77 -14.60
N TYR A 34 -1.97 1.90 -13.92
N TYR A 34 -2.00 1.91 -13.93
CA TYR A 34 -1.16 2.19 -12.75
CA TYR A 34 -1.23 2.24 -12.72
C TYR A 34 -1.34 1.12 -11.66
C TYR A 34 -1.35 1.11 -11.69
N ASN A 35 -2.58 0.69 -11.42
CA ASN A 35 -2.81 -0.38 -10.43
C ASN A 35 -2.12 -1.66 -10.83
N LEU A 36 -2.26 -2.04 -12.12
CA LEU A 36 -1.70 -3.30 -12.54
C LEU A 36 -0.17 -3.26 -12.38
N GLY A 37 0.43 -2.16 -12.80
CA GLY A 37 1.85 -2.01 -12.69
C GLY A 37 2.33 -1.98 -11.23
N PHE A 38 1.62 -1.20 -10.42
CA PHE A 38 2.00 -1.14 -9.04
C PHE A 38 1.87 -2.51 -8.34
N ILE A 39 0.84 -3.30 -8.70
CA ILE A 39 0.70 -4.64 -8.16
C ILE A 39 1.90 -5.50 -8.60
N ALA A 40 2.25 -5.43 -9.87
CA ALA A 40 3.41 -6.19 -10.34
C ALA A 40 4.67 -5.86 -9.54
N ARG A 41 4.86 -4.59 -9.23
CA ARG A 41 6.01 -4.20 -8.40
C ARG A 41 5.96 -4.87 -7.03
N LEU A 42 4.78 -4.86 -6.41
CA LEU A 42 4.57 -5.52 -5.13
C LEU A 42 4.83 -7.02 -5.12
N VAL A 43 4.56 -7.65 -6.25
CA VAL A 43 4.85 -9.09 -6.40
C VAL A 43 6.34 -9.34 -6.20
N LYS A 44 7.17 -8.47 -6.74
CA LYS A 44 8.62 -8.56 -6.47
C LYS A 44 9.04 -8.12 -5.06
N ASN A 45 8.46 -7.01 -4.60
CA ASN A 45 8.77 -6.52 -3.24
C ASN A 45 8.51 -7.59 -2.20
N PHE A 46 7.49 -8.43 -2.42
CA PHE A 46 7.09 -9.37 -1.41
C PHE A 46 7.17 -10.85 -1.84
N LEU A 47 7.93 -11.10 -2.90
CA LEU A 47 8.30 -12.48 -3.37
C LEU A 47 7.06 -13.37 -3.45
N ILE A 48 6.02 -12.83 -4.08
CA ILE A 48 4.82 -13.62 -4.29
C ILE A 48 5.14 -14.74 -5.29
N ASP A 49 4.59 -15.93 -5.06
CA ASP A 49 4.94 -17.09 -5.90
C ASP A 49 4.33 -17.12 -7.29
N GLU A 50 3.05 -16.74 -7.33
CA GLU A 50 2.25 -16.84 -8.57
C GLU A 50 1.39 -15.60 -8.67
N PHE A 51 1.23 -15.10 -9.90
CA PHE A 51 0.52 -13.84 -10.16
C PHE A 51 -0.40 -14.03 -11.34
N TYR A 52 -1.70 -14.11 -11.08
CA TYR A 52 -2.73 -14.37 -12.06
C TYR A 52 -3.65 -13.19 -12.17
N VAL A 53 -4.12 -12.94 -13.39
N VAL A 53 -3.90 -12.75 -13.40
CA VAL A 53 -4.91 -11.78 -13.65
CA VAL A 53 -4.92 -11.72 -13.65
C VAL A 53 -6.02 -12.18 -14.61
C VAL A 53 -6.01 -12.29 -14.54
N VAL A 54 -7.25 -12.05 -14.15
CA VAL A 54 -8.38 -12.51 -14.93
C VAL A 54 -8.81 -11.37 -15.89
N ASN A 55 -8.81 -11.67 -17.17
CA ASN A 55 -9.40 -10.79 -18.16
C ASN A 55 -9.09 -9.31 -17.94
N PRO A 56 -7.81 -8.95 -17.94
CA PRO A 56 -7.43 -7.57 -17.60
C PRO A 56 -7.99 -6.57 -18.62
N LYS A 57 -8.53 -5.45 -18.11
CA LYS A 57 -8.98 -4.35 -18.91
C LYS A 57 -7.90 -3.28 -19.13
N ALA A 58 -7.05 -3.10 -18.14
CA ALA A 58 -5.94 -2.17 -18.22
C ALA A 58 -5.03 -2.50 -19.35
N ASP A 59 -4.42 -1.46 -19.95
CA ASP A 59 -3.48 -1.63 -21.06
C ASP A 59 -2.17 -2.11 -20.48
N ILE A 60 -1.81 -3.35 -20.79
CA ILE A 60 -0.62 -3.98 -20.20
C ILE A 60 0.67 -3.27 -20.55
N ASN A 61 0.78 -2.79 -21.77
CA ASN A 61 1.92 -2.07 -22.19
C ASN A 61 2.11 -0.80 -21.32
N GLU A 62 1.01 -0.08 -21.03
CA GLU A 62 1.04 1.07 -20.12
C GLU A 62 1.41 0.64 -18.69
N ALA A 63 0.93 -0.50 -18.27
CA ALA A 63 1.20 -0.96 -16.91
C ALA A 63 2.66 -1.20 -16.62
N ILE A 64 3.40 -1.69 -17.63
CA ILE A 64 4.79 -2.02 -17.47
C ILE A 64 5.61 -0.82 -16.90
N LYS A 65 5.23 0.39 -17.28
CA LYS A 65 5.92 1.61 -16.81
C LYS A 65 5.88 1.79 -15.29
N PHE A 66 4.85 1.23 -14.64
CA PHE A 66 4.70 1.34 -13.19
C PHE A 66 5.20 0.12 -12.37
N SER A 67 5.73 -0.91 -13.05
CA SER A 67 6.19 -2.13 -12.44
C SER A 67 7.64 -1.98 -12.01
N ALA A 68 8.19 -2.99 -11.33
CA ALA A 68 9.60 -2.93 -10.92
C ALA A 68 10.56 -3.01 -12.13
N LYS A 69 11.31 -1.94 -12.35
CA LYS A 69 12.21 -1.86 -13.49
C LYS A 69 13.10 -3.12 -13.60
N GLY A 70 13.16 -3.71 -14.80
CA GLY A 70 14.03 -4.87 -15.06
C GLY A 70 13.53 -6.24 -14.58
N SER A 71 12.31 -6.27 -14.00
CA SER A 71 11.84 -7.45 -13.28
C SER A 71 11.12 -8.48 -14.19
N GLU A 72 10.52 -8.02 -15.27
CA GLU A 72 9.78 -8.87 -16.18
C GLU A 72 8.59 -9.59 -15.51
N VAL A 73 8.03 -9.02 -14.43
CA VAL A 73 6.91 -9.69 -13.78
C VAL A 73 5.70 -9.71 -14.74
N ILE A 74 5.38 -8.60 -15.35
CA ILE A 74 4.30 -8.55 -16.31
C ILE A 74 4.56 -9.37 -17.55
N GLU A 75 5.73 -9.18 -18.10
CA GLU A 75 6.07 -9.78 -19.37
C GLU A 75 6.11 -11.31 -19.31
N LYS A 76 6.74 -11.84 -18.26
CA LYS A 76 6.96 -13.29 -18.15
C LYS A 76 6.16 -14.01 -17.04
N MET A 77 6.17 -13.48 -15.84
CA MET A 77 5.62 -14.22 -14.74
C MET A 77 4.07 -14.23 -14.71
N MET A 78 3.49 -13.08 -14.98
CA MET A 78 2.03 -12.90 -14.91
C MET A 78 1.33 -13.87 -15.84
N LYS A 79 0.32 -14.55 -15.32
CA LYS A 79 -0.49 -15.43 -16.10
C LYS A 79 -1.89 -14.79 -16.24
N ILE A 80 -2.35 -14.65 -17.46
CA ILE A 80 -3.68 -14.18 -17.76
C ILE A 80 -4.63 -15.36 -17.90
N THR A 81 -5.82 -15.22 -17.33
CA THR A 81 -6.88 -16.22 -17.56
C THR A 81 -8.11 -15.57 -18.11
N ASN A 82 -8.98 -16.36 -18.75
CA ASN A 82 -10.21 -15.83 -19.27
C ASN A 82 -11.23 -15.61 -18.17
N ASN A 83 -11.29 -16.51 -17.21
CA ASN A 83 -12.34 -16.44 -16.21
C ASN A 83 -11.79 -16.66 -14.80
N PHE A 84 -12.66 -16.45 -13.84
CA PHE A 84 -12.33 -16.59 -12.41
C PHE A 84 -11.89 -17.99 -12.07
N ASP A 85 -12.66 -18.98 -12.51
CA ASP A 85 -12.36 -20.37 -12.12
C ASP A 85 -10.96 -20.84 -12.56
N ASP A 86 -10.47 -20.35 -13.70
CA ASP A 86 -9.16 -20.78 -14.21
C ASP A 86 -8.01 -20.16 -13.38
N ALA A 87 -8.31 -19.15 -12.58
CA ALA A 87 -7.28 -18.49 -11.78
C ALA A 87 -7.22 -19.03 -10.35
N ILE A 88 -8.21 -19.80 -9.93
CA ILE A 88 -8.31 -20.31 -8.57
C ILE A 88 -8.20 -21.83 -8.46
N ARG A 89 -7.75 -22.48 -9.52
CA ARG A 89 -7.50 -23.93 -9.45
C ARG A 89 -6.25 -24.26 -8.67
N ASP A 90 -6.21 -25.47 -8.14
CA ASP A 90 -5.00 -26.04 -7.50
C ASP A 90 -4.45 -25.21 -6.36
N VAL A 91 -5.35 -24.65 -5.57
CA VAL A 91 -4.93 -24.09 -4.31
C VAL A 91 -5.69 -24.73 -3.17
N ASP A 92 -5.21 -24.53 -1.96
CA ASP A 92 -5.90 -25.09 -0.77
C ASP A 92 -6.99 -24.17 -0.22
N LEU A 93 -6.77 -22.86 -0.35
CA LEU A 93 -7.63 -21.85 0.26
C LEU A 93 -7.72 -20.66 -0.66
N LYS A 94 -8.93 -20.08 -0.74
CA LYS A 94 -9.24 -18.88 -1.55
C LYS A 94 -9.67 -17.82 -0.55
N ILE A 95 -8.91 -16.73 -0.47
CA ILE A 95 -9.23 -15.64 0.40
C ILE A 95 -9.54 -14.41 -0.46
N ALA A 96 -10.83 -14.14 -0.59
CA ALA A 96 -11.32 -12.93 -1.24
C ALA A 96 -11.18 -11.76 -0.31
N THR A 97 -11.24 -10.56 -0.89
CA THR A 97 -11.17 -9.31 -0.16
C THR A 97 -12.37 -8.40 -0.53
N SER A 98 -12.76 -7.57 0.41
CA SER A 98 -13.81 -6.59 0.22
C SER A 98 -13.62 -5.41 1.15
N SER A 99 -14.02 -4.24 0.69
CA SER A 99 -14.06 -3.03 1.49
C SER A 99 -15.34 -2.86 2.31
N ILE A 100 -16.27 -3.80 2.18
CA ILE A 100 -17.52 -3.74 2.93
C ILE A 100 -17.42 -4.71 4.07
N ALA A 101 -17.55 -4.19 5.29
CA ALA A 101 -17.51 -5.03 6.47
C ALA A 101 -18.95 -5.52 6.74
N ASP A 102 -19.22 -6.76 6.35
CA ASP A 102 -20.56 -7.34 6.51
C ASP A 102 -20.78 -7.67 7.96
N GLY A 105 -24.77 -12.55 7.75
CA GLY A 105 -25.25 -13.86 7.25
C GLY A 105 -24.14 -14.76 6.73
N ASP A 106 -24.26 -15.30 5.52
CA ASP A 106 -23.18 -16.14 4.98
C ASP A 106 -21.85 -15.37 4.94
N LEU A 107 -21.95 -14.06 4.63
CA LEU A 107 -20.78 -13.23 4.50
C LEU A 107 -20.11 -12.95 5.84
N LEU A 108 -20.88 -12.69 6.89
CA LEU A 108 -20.30 -12.67 8.27
C LEU A 108 -19.59 -14.01 8.60
N ARG A 109 -20.26 -15.11 8.25
CA ARG A 109 -19.73 -16.40 8.55
C ARG A 109 -18.37 -16.68 7.92
N LYS A 110 -18.07 -16.02 6.81
CA LYS A 110 -16.74 -16.22 6.15
C LYS A 110 -15.80 -15.03 6.31
N SER A 111 -16.20 -14.05 7.11
CA SER A 111 -15.45 -12.82 7.32
C SER A 111 -14.24 -13.04 8.21
N ILE A 112 -13.12 -12.46 7.79
CA ILE A 112 -11.89 -12.50 8.55
C ILE A 112 -11.18 -11.13 8.55
N ARG A 113 -10.15 -11.03 9.38
CA ARG A 113 -9.38 -9.83 9.49
C ARG A 113 -7.92 -10.20 9.35
N PRO A 114 -7.05 -9.18 9.16
CA PRO A 114 -5.64 -9.49 8.95
C PRO A 114 -4.98 -10.30 10.08
N ILE A 115 -5.40 -10.07 11.33
CA ILE A 115 -4.85 -10.80 12.48
C ILE A 115 -5.11 -12.32 12.32
N ASP A 116 -6.11 -12.71 11.50
CA ASP A 116 -6.43 -14.12 11.34
C ASP A 116 -5.54 -14.86 10.35
N LEU A 117 -4.83 -14.11 9.51
CA LEU A 117 -4.21 -14.71 8.35
C LEU A 117 -3.14 -15.73 8.70
N GLU A 118 -2.30 -15.41 9.70
CA GLU A 118 -1.14 -16.25 9.98
C GLU A 118 -1.59 -17.67 10.25
N ARG A 119 -2.63 -17.81 11.08
CA ARG A 119 -3.10 -19.15 11.41
C ARG A 119 -3.73 -19.84 10.20
N LEU A 120 -4.50 -19.09 9.43
CA LEU A 120 -5.25 -19.72 8.36
C LEU A 120 -4.39 -20.20 7.19
N ILE A 121 -3.34 -19.45 6.86
CA ILE A 121 -2.54 -19.78 5.69
C ILE A 121 -1.35 -20.72 5.99
N LYS A 122 -1.13 -21.06 7.27
CA LYS A 122 0.01 -21.94 7.64
C LYS A 122 0.00 -23.25 6.84
N ASP A 123 1.12 -23.52 6.17
CA ASP A 123 1.32 -24.80 5.46
C ASP A 123 0.39 -25.00 4.26
N LYS A 124 -0.13 -23.89 3.69
CA LYS A 124 -1.15 -24.00 2.65
C LYS A 124 -0.73 -23.20 1.44
N LYS A 125 -1.20 -23.65 0.29
CA LYS A 125 -1.16 -22.85 -0.92
C LYS A 125 -2.44 -21.99 -0.97
N VAL A 126 -2.28 -20.66 -0.92
CA VAL A 126 -3.41 -19.74 -0.77
C VAL A 126 -3.45 -18.78 -1.95
N ALA A 127 -4.65 -18.59 -2.48
CA ALA A 127 -4.94 -17.53 -3.43
C ALA A 127 -5.56 -16.34 -2.70
N PHE A 128 -4.90 -15.18 -2.79
CA PHE A 128 -5.45 -13.93 -2.32
C PHE A 128 -6.06 -13.20 -3.50
N ILE A 129 -7.37 -12.97 -3.43
CA ILE A 129 -8.14 -12.52 -4.60
C ILE A 129 -8.64 -11.11 -4.35
N PHE A 130 -8.40 -10.24 -5.33
CA PHE A 130 -8.79 -8.85 -5.28
C PHE A 130 -9.63 -8.50 -6.47
N GLY A 131 -10.58 -7.60 -6.22
CA GLY A 131 -11.57 -7.26 -7.25
C GLY A 131 -11.29 -5.95 -8.00
N ARG A 132 -12.28 -5.62 -8.79
CA ARG A 132 -12.24 -4.55 -9.75
C ARG A 132 -12.31 -3.23 -9.04
N GLU A 133 -11.56 -2.26 -9.54
CA GLU A 133 -11.65 -0.93 -8.94
C GLU A 133 -13.08 -0.39 -8.93
N SER A 134 -13.82 -0.61 -10.00
CA SER A 134 -15.19 -0.04 -10.13
C SER A 134 -16.18 -0.63 -9.13
N VAL A 135 -16.23 -1.96 -9.06
CA VAL A 135 -17.34 -2.67 -8.38
C VAL A 135 -16.87 -3.80 -7.46
N GLY A 136 -15.58 -4.04 -7.34
CA GLY A 136 -15.15 -5.08 -6.44
C GLY A 136 -15.30 -6.48 -7.04
N LEU A 137 -15.38 -7.48 -6.19
CA LEU A 137 -15.76 -8.81 -6.55
C LEU A 137 -17.26 -9.00 -6.56
N THR A 138 -17.74 -9.90 -7.44
CA THR A 138 -19.18 -10.24 -7.44
C THR A 138 -19.54 -11.13 -6.27
N ARG A 139 -20.83 -11.16 -5.96
CA ARG A 139 -21.28 -12.03 -4.86
C ARG A 139 -20.94 -13.49 -5.14
N GLU A 140 -21.02 -13.90 -6.41
CA GLU A 140 -20.64 -15.27 -6.76
C GLU A 140 -19.11 -15.60 -6.68
N GLU A 141 -18.28 -14.63 -7.04
CA GLU A 141 -16.84 -14.75 -6.82
C GLU A 141 -16.54 -14.91 -5.34
N ILE A 142 -17.26 -14.15 -4.51
CA ILE A 142 -17.12 -14.32 -3.02
C ILE A 142 -17.66 -15.67 -2.57
N ALA A 143 -18.74 -16.16 -3.19
CA ALA A 143 -19.30 -17.46 -2.81
C ALA A 143 -18.35 -18.60 -3.12
N LYS A 144 -17.59 -18.41 -4.18
CA LYS A 144 -16.58 -19.36 -4.57
C LYS A 144 -15.29 -19.35 -3.73
N SER A 145 -15.19 -18.38 -2.86
CA SER A 145 -14.03 -18.22 -2.03
C SER A 145 -14.30 -18.77 -0.60
N ASP A 146 -13.23 -19.18 0.08
CA ASP A 146 -13.35 -19.73 1.44
C ASP A 146 -13.57 -18.71 2.54
N PHE A 147 -12.89 -17.58 2.42
CA PHE A 147 -12.90 -16.51 3.41
C PHE A 147 -13.00 -15.15 2.70
N LEU A 148 -13.46 -14.18 3.42
CA LEU A 148 -13.61 -12.80 2.92
C LEU A 148 -12.93 -11.87 3.88
N LEU A 149 -11.77 -11.36 3.45
CA LEU A 149 -10.93 -10.49 4.25
C LEU A 149 -11.31 -9.01 4.10
N PHE A 150 -11.52 -8.34 5.23
CA PHE A 150 -11.66 -6.87 5.31
C PHE A 150 -10.45 -6.28 5.99
N ILE A 151 -9.88 -5.24 5.42
CA ILE A 151 -8.77 -4.50 5.99
C ILE A 151 -9.37 -3.38 6.82
N PRO A 152 -9.10 -3.40 8.16
CA PRO A 152 -9.61 -2.32 8.97
C PRO A 152 -9.10 -0.94 8.54
N ALA A 153 -10.02 -0.03 8.47
CA ALA A 153 -9.74 1.32 8.08
C ALA A 153 -10.84 2.24 8.61
N ASN A 154 -10.73 3.52 8.35
CA ASN A 154 -11.76 4.49 8.76
C ASN A 154 -13.15 3.95 8.42
N PRO A 155 -14.04 3.78 9.41
CA PRO A 155 -15.33 3.17 9.05
C PRO A 155 -16.14 4.03 8.13
N GLU A 156 -15.92 5.34 8.18
CA GLU A 156 -16.59 6.27 7.31
C GLU A 156 -16.05 6.30 5.90
N TYR A 157 -14.83 5.76 5.71
CA TYR A 157 -14.28 5.68 4.37
C TYR A 157 -13.19 4.61 4.29
N PRO A 158 -13.62 3.36 4.28
CA PRO A 158 -12.67 2.26 4.37
C PRO A 158 -12.20 1.71 3.03
N VAL A 159 -12.64 2.33 1.93
CA VAL A 159 -12.39 1.81 0.62
C VAL A 159 -11.01 2.24 0.16
N LEU A 160 -10.11 1.28 0.09
CA LEU A 160 -8.76 1.53 -0.35
C LEU A 160 -8.61 1.35 -1.86
N ASN A 161 -7.74 2.13 -2.45
CA ASN A 161 -7.38 1.87 -3.83
C ASN A 161 -6.83 0.41 -3.91
N LEU A 162 -7.18 -0.26 -5.01
CA LEU A 162 -6.85 -1.66 -5.23
C LEU A 162 -5.38 -1.99 -4.92
N SER A 163 -4.43 -1.30 -5.53
CA SER A 163 -3.01 -1.66 -5.34
C SER A 163 -2.52 -1.45 -3.92
N HIS A 164 -3.12 -0.49 -3.23
CA HIS A 164 -2.76 -0.21 -1.85
C HIS A 164 -3.29 -1.28 -0.88
N ALA A 165 -4.50 -1.77 -1.16
CA ALA A 165 -5.03 -2.93 -0.50
C ALA A 165 -4.13 -4.14 -0.70
N VAL A 166 -3.69 -4.38 -1.93
CA VAL A 166 -2.79 -5.48 -2.20
C VAL A 166 -1.50 -5.32 -1.37
N GLY A 167 -0.94 -4.12 -1.37
CA GLY A 167 0.32 -3.96 -0.66
C GLY A 167 0.19 -4.20 0.83
N ILE A 168 -0.90 -3.75 1.42
CA ILE A 168 -1.19 -3.98 2.84
C ILE A 168 -1.32 -5.46 3.16
N VAL A 169 -2.05 -6.19 2.35
CA VAL A 169 -2.17 -7.62 2.58
C VAL A 169 -0.85 -8.34 2.43
N LEU A 170 -0.12 -8.05 1.37
CA LEU A 170 1.19 -8.69 1.19
C LEU A 170 2.15 -8.35 2.33
N TYR A 171 2.11 -7.09 2.79
CA TYR A 171 2.93 -6.67 3.92
C TYR A 171 2.61 -7.46 5.17
N GLU A 172 1.34 -7.76 5.38
CA GLU A 172 0.88 -8.53 6.53
C GLU A 172 1.57 -9.92 6.50
N LEU A 173 1.87 -10.47 5.34
CA LEU A 173 2.60 -11.71 5.27
C LEU A 173 4.11 -11.54 5.74
N TRP A 174 4.57 -10.27 5.85
CA TRP A 174 5.97 -9.92 6.11
C TRP A 174 6.26 -9.11 7.43
N ARG A 175 5.26 -8.74 8.21
CA ARG A 175 5.42 -7.65 9.18
C ARG A 175 6.37 -7.94 10.36
N ASN A 176 6.56 -9.23 10.65
CA ASN A 176 7.60 -9.70 11.59
C ASN A 176 8.91 -10.12 10.89
N ARG A 177 8.92 -9.83 9.59
CA ARG A 177 10.10 -9.71 8.73
C ARG A 177 10.53 -11.04 8.16
N MET B 21 -0.64 10.36 20.01
CA MET B 21 -1.40 11.57 19.98
C MET B 21 -1.72 11.87 18.56
N THR B 22 -0.93 12.72 17.97
CA THR B 22 -1.23 13.20 16.65
C THR B 22 -0.13 12.85 15.68
N ILE B 23 -0.56 12.59 14.47
CA ILE B 23 0.30 12.11 13.43
C ILE B 23 0.26 13.05 12.26
N ARG B 24 1.46 13.52 11.88
CA ARG B 24 1.67 14.36 10.72
C ARG B 24 2.40 13.62 9.65
N LEU B 25 1.81 13.52 8.46
CA LEU B 25 2.53 12.91 7.34
C LEU B 25 3.20 14.02 6.56
N VAL B 26 4.52 13.85 6.30
CA VAL B 26 5.31 14.83 5.57
C VAL B 26 5.87 14.16 4.33
N ILE B 27 5.48 14.65 3.14
CA ILE B 27 5.93 14.07 1.89
C ILE B 27 6.80 15.11 1.20
N VAL B 28 8.02 14.75 0.94
CA VAL B 28 8.98 15.70 0.44
C VAL B 28 9.13 15.57 -1.08
N GLU B 29 8.88 16.69 -1.76
CA GLU B 29 9.07 16.84 -3.20
C GLU B 29 8.43 15.66 -4.00
N PRO B 30 7.14 15.36 -3.72
CA PRO B 30 6.56 14.31 -4.55
C PRO B 30 6.48 14.70 -6.03
N GLU B 31 6.79 13.73 -6.89
CA GLU B 31 6.88 13.93 -8.32
C GLU B 31 5.65 13.42 -9.07
N GLY B 32 5.07 12.33 -8.60
CA GLY B 32 4.01 11.65 -9.30
C GLY B 32 2.67 12.15 -8.83
N ALA B 33 1.85 12.65 -9.76
CA ALA B 33 0.47 13.06 -9.40
C ALA B 33 -0.33 11.88 -8.86
N TYR B 34 -0.11 10.69 -9.41
CA TYR B 34 -0.77 9.50 -8.91
C TYR B 34 -0.37 9.27 -7.43
N ASN B 35 0.92 9.34 -7.14
CA ASN B 35 1.36 9.15 -5.73
C ASN B 35 0.76 10.14 -4.78
N LEU B 36 0.71 11.41 -5.17
CA LEU B 36 0.18 12.44 -4.29
C LEU B 36 -1.32 12.20 -4.04
N GLY B 37 -2.07 11.93 -5.11
CA GLY B 37 -3.46 11.63 -4.96
C GLY B 37 -3.73 10.41 -4.13
N PHE B 38 -2.98 9.34 -4.41
CA PHE B 38 -3.12 8.09 -3.65
C PHE B 38 -2.82 8.31 -2.14
N ILE B 39 -1.82 9.16 -1.85
CA ILE B 39 -1.50 9.46 -0.48
C ILE B 39 -2.65 10.23 0.20
N ALA B 40 -3.25 11.21 -0.51
CA ALA B 40 -4.36 11.93 0.05
C ALA B 40 -5.51 10.98 0.40
N ARG B 41 -5.78 10.02 -0.49
CA ARG B 41 -6.81 9.05 -0.23
C ARG B 41 -6.53 8.28 1.07
N LEU B 42 -5.28 7.84 1.23
CA LEU B 42 -4.87 7.12 2.42
C LEU B 42 -4.99 7.93 3.68
N VAL B 43 -4.70 9.26 3.60
CA VAL B 43 -4.85 10.11 4.73
C VAL B 43 -6.28 10.01 5.28
N LYS B 44 -7.26 10.00 4.37
CA LYS B 44 -8.67 9.84 4.77
C LYS B 44 -8.97 8.41 5.22
N ASN B 45 -8.46 7.43 4.48
CA ASN B 45 -8.63 6.02 4.86
C ASN B 45 -8.19 5.72 6.30
N PHE B 46 -7.11 6.40 6.73
CA PHE B 46 -6.46 6.06 8.01
C PHE B 46 -6.42 7.21 8.99
N LEU B 47 -7.26 8.20 8.75
CA LEU B 47 -7.44 9.34 9.67
C LEU B 47 -6.16 9.94 10.21
N ILE B 48 -5.26 10.26 9.29
CA ILE B 48 -4.06 11.02 9.64
C ILE B 48 -4.46 12.44 9.99
N ASP B 49 -3.82 13.02 11.04
CA ASP B 49 -4.26 14.35 11.55
C ASP B 49 -3.79 15.54 10.74
N GLU B 50 -2.54 15.47 10.23
CA GLU B 50 -1.93 16.59 9.53
C GLU B 50 -1.14 16.04 8.32
N PHE B 51 -1.03 16.86 7.31
CA PHE B 51 -0.49 16.39 6.02
C PHE B 51 0.23 17.57 5.37
N TYR B 52 1.55 17.42 5.18
CA TYR B 52 2.36 18.45 4.64
C TYR B 52 3.09 17.92 3.39
N VAL B 53 3.35 18.83 2.47
N VAL B 53 3.09 18.69 2.29
CA VAL B 53 3.99 18.51 1.26
CA VAL B 53 4.01 18.45 1.19
C VAL B 53 5.03 19.60 0.97
C VAL B 53 5.04 19.57 1.08
N VAL B 54 6.29 19.21 0.84
CA VAL B 54 7.40 20.15 0.70
C VAL B 54 7.73 20.27 -0.78
N ASN B 55 7.63 21.49 -1.30
CA ASN B 55 8.01 21.80 -2.66
C ASN B 55 7.59 20.69 -3.64
N PRO B 56 6.28 20.44 -3.70
CA PRO B 56 5.80 19.42 -4.65
C PRO B 56 6.19 19.72 -6.11
N LYS B 57 6.57 18.66 -6.82
CA LYS B 57 6.82 18.73 -8.26
C LYS B 57 5.62 18.25 -9.08
N ALA B 58 4.84 17.35 -8.51
CA ALA B 58 3.59 16.88 -9.10
C ALA B 58 2.63 18.04 -9.33
N ASP B 59 1.83 17.89 -10.36
CA ASP B 59 0.71 18.77 -10.65
C ASP B 59 -0.45 18.40 -9.71
N ILE B 60 -0.71 19.27 -8.75
CA ILE B 60 -1.68 18.99 -7.71
C ILE B 60 -3.10 18.89 -8.32
N ASN B 61 -3.38 19.65 -9.36
CA ASN B 61 -4.64 19.53 -10.05
C ASN B 61 -4.87 18.15 -10.61
N GLU B 62 -3.84 17.57 -11.22
CA GLU B 62 -3.96 16.22 -11.72
C GLU B 62 -4.04 15.19 -10.58
N ALA B 63 -3.35 15.43 -9.49
CA ALA B 63 -3.33 14.54 -8.38
C ALA B 63 -4.72 14.31 -7.84
N ILE B 64 -5.56 15.35 -7.86
CA ILE B 64 -6.91 15.23 -7.34
C ILE B 64 -7.69 14.10 -8.04
N LYS B 65 -7.37 13.85 -9.29
CA LYS B 65 -8.09 12.80 -10.02
C LYS B 65 -7.89 11.41 -9.39
N PHE B 66 -6.79 11.25 -8.65
CA PHE B 66 -6.42 9.99 -8.05
C PHE B 66 -6.75 9.90 -6.56
N SER B 67 -7.41 10.93 -6.03
CA SER B 67 -7.57 11.06 -4.61
C SER B 67 -8.87 10.48 -4.05
N ALA B 68 -9.85 10.28 -4.92
CA ALA B 68 -11.14 9.80 -4.53
C ALA B 68 -11.73 10.72 -3.43
N LYS B 69 -12.21 10.17 -2.33
CA LYS B 69 -12.71 10.99 -1.22
C LYS B 69 -11.61 11.73 -0.47
N GLY B 70 -10.34 11.44 -0.79
CA GLY B 70 -9.24 12.29 -0.29
C GLY B 70 -9.10 13.65 -0.96
N SER B 71 -9.97 13.98 -1.93
CA SER B 71 -9.94 15.32 -2.50
C SER B 71 -10.05 16.39 -1.40
N GLU B 72 -10.84 16.16 -0.35
CA GLU B 72 -11.00 17.13 0.71
C GLU B 72 -9.72 17.30 1.52
N VAL B 73 -8.93 16.24 1.61
CA VAL B 73 -7.61 16.29 2.24
C VAL B 73 -6.73 17.25 1.47
N ILE B 74 -6.63 17.08 0.16
CA ILE B 74 -5.86 18.00 -0.68
C ILE B 74 -6.35 19.41 -0.55
N GLU B 75 -7.67 19.57 -0.50
CA GLU B 75 -8.27 20.93 -0.45
C GLU B 75 -8.00 21.64 0.84
N LYS B 76 -8.34 21.01 1.96
CA LYS B 76 -8.39 21.70 3.25
C LYS B 76 -7.19 21.40 4.16
N MET B 77 -6.76 20.16 4.20
CA MET B 77 -5.76 19.70 5.18
C MET B 77 -4.34 19.96 4.69
N MET B 78 -4.07 19.67 3.44
CA MET B 78 -2.72 19.67 2.90
C MET B 78 -2.08 21.07 3.05
N LYS B 79 -0.91 21.07 3.67
CA LYS B 79 -0.07 22.26 3.81
C LYS B 79 1.13 22.14 2.92
N ILE B 80 1.44 23.17 2.16
CA ILE B 80 2.62 23.18 1.30
C ILE B 80 3.65 24.11 1.91
N THR B 81 4.87 23.61 2.02
CA THR B 81 6.00 24.39 2.46
C THR B 81 7.06 24.47 1.36
N ASN B 82 7.95 25.47 1.45
CA ASN B 82 9.09 25.54 0.57
C ASN B 82 10.42 25.12 1.19
N ASN B 83 10.38 24.56 2.38
CA ASN B 83 11.58 24.02 2.99
C ASN B 83 11.15 22.96 3.98
N PHE B 84 12.08 22.08 4.29
CA PHE B 84 11.81 20.96 5.16
C PHE B 84 11.55 21.34 6.62
N ASP B 85 12.31 22.31 7.15
CA ASP B 85 12.16 22.68 8.56
C ASP B 85 10.75 23.10 8.91
N ASP B 86 10.10 23.82 7.99
CA ASP B 86 8.78 24.30 8.25
C ASP B 86 7.76 23.16 8.33
N ALA B 87 8.06 22.05 7.69
CA ALA B 87 7.15 20.90 7.72
C ALA B 87 7.29 20.00 8.98
N ILE B 88 8.37 20.20 9.74
CA ILE B 88 8.61 19.37 10.93
C ILE B 88 8.65 20.16 12.23
N ARG B 89 8.10 21.38 12.19
CA ARG B 89 7.94 22.19 13.40
C ARG B 89 6.91 21.61 14.37
N ASP B 90 7.15 21.74 15.66
CA ASP B 90 6.14 21.53 16.67
C ASP B 90 5.70 20.08 16.79
N VAL B 91 6.63 19.12 16.63
CA VAL B 91 6.36 17.73 16.90
C VAL B 91 7.40 17.14 17.89
N ASP B 92 7.10 16.00 18.46
CA ASP B 92 7.95 15.37 19.46
C ASP B 92 8.98 14.42 18.87
N LEU B 93 8.67 13.82 17.72
CA LEU B 93 9.49 12.77 17.13
C LEU B 93 9.34 12.86 15.63
N LYS B 94 10.45 12.65 14.93
CA LYS B 94 10.53 12.61 13.49
C LYS B 94 11.00 11.23 13.05
N ILE B 95 10.21 10.55 12.21
CA ILE B 95 10.56 9.22 11.78
C ILE B 95 10.57 9.18 10.25
N ALA B 96 11.72 8.90 9.63
CA ALA B 96 11.85 8.96 8.17
C ALA B 96 11.91 7.51 7.68
N THR B 97 11.21 7.25 6.57
CA THR B 97 11.22 5.96 5.93
C THR B 97 12.20 5.95 4.79
N SER B 98 13.00 4.89 4.73
CA SER B 98 13.92 4.66 3.61
C SER B 98 13.94 3.15 3.29
N SER B 99 15.00 2.71 2.64
CA SER B 99 15.25 1.29 2.45
C SER B 99 16.77 1.02 2.38
N ILE B 100 17.14 -0.26 2.39
CA ILE B 100 18.56 -0.65 2.25
C ILE B 100 19.13 -0.37 0.87
N ALA B 101 18.27 -0.05 -0.11
CA ALA B 101 18.77 0.38 -1.42
C ALA B 101 19.39 1.78 -1.33
N ASP B 102 19.00 2.51 -0.27
CA ASP B 102 19.35 3.92 -0.10
C ASP B 102 20.38 4.04 1.04
N ILE B 103 20.04 3.49 2.21
CA ILE B 103 20.90 3.53 3.40
C ILE B 103 21.78 2.29 3.42
N ARG B 109 23.25 1.40 12.24
CA ARG B 109 21.94 0.76 12.09
C ARG B 109 20.91 1.40 13.01
N LYS B 110 20.49 0.65 14.02
CA LYS B 110 19.39 1.06 14.88
C LYS B 110 18.12 1.39 14.09
N SER B 111 17.99 0.86 12.87
CA SER B 111 16.76 1.12 12.08
C SER B 111 15.60 0.36 12.76
N ILE B 112 14.37 0.84 12.54
CA ILE B 112 13.21 0.25 13.09
C ILE B 112 12.29 -0.23 11.96
N ARG B 113 11.26 -0.97 12.33
CA ARG B 113 10.24 -1.51 11.41
C ARG B 113 8.88 -1.01 11.86
N PRO B 114 7.86 -1.10 10.98
CA PRO B 114 6.57 -0.48 11.40
C PRO B 114 5.99 -1.12 12.70
N ILE B 115 6.28 -2.39 12.93
CA ILE B 115 5.79 -3.05 14.18
C ILE B 115 6.36 -2.41 15.46
N ASP B 116 7.48 -1.71 15.34
CA ASP B 116 8.09 -0.98 16.47
C ASP B 116 7.43 0.34 16.80
N LEU B 117 6.60 0.82 15.90
CA LEU B 117 6.08 2.19 16.02
C LEU B 117 5.22 2.43 17.25
N GLU B 118 4.36 1.47 17.56
CA GLU B 118 3.36 1.68 18.62
C GLU B 118 4.05 2.06 19.96
N ARG B 119 5.11 1.35 20.31
CA ARG B 119 5.84 1.64 21.55
C ARG B 119 6.53 3.02 21.53
N LEU B 120 7.01 3.43 20.34
CA LEU B 120 7.85 4.64 20.24
C LEU B 120 7.01 5.90 20.26
N ILE B 121 5.82 5.82 19.69
CA ILE B 121 5.03 7.01 19.46
C ILE B 121 3.92 7.25 20.48
N LYS B 122 3.74 6.33 21.43
CA LYS B 122 2.71 6.48 22.46
C LYS B 122 2.78 7.89 23.08
N ASP B 123 1.68 8.63 22.98
CA ASP B 123 1.51 9.91 23.71
C ASP B 123 2.40 11.02 23.11
N LYS B 124 2.82 10.83 21.87
CA LYS B 124 3.68 11.82 21.21
C LYS B 124 3.08 12.34 19.92
N LYS B 125 3.42 13.58 19.57
CA LYS B 125 3.16 14.13 18.25
C LYS B 125 4.30 13.73 17.34
N VAL B 126 3.98 12.98 16.28
CA VAL B 126 5.04 12.41 15.43
C VAL B 126 4.87 12.88 14.00
N ALA B 127 5.98 13.26 13.37
CA ALA B 127 6.04 13.42 11.89
C ALA B 127 6.63 12.21 11.26
N PHE B 128 5.90 11.62 10.30
CA PHE B 128 6.38 10.58 9.45
C PHE B 128 6.78 11.17 8.12
N ILE B 129 8.06 11.06 7.80
CA ILE B 129 8.64 11.69 6.65
C ILE B 129 8.89 10.62 5.57
N PHE B 130 8.49 10.93 4.35
CA PHE B 130 8.75 10.11 3.17
C PHE B 130 9.26 11.04 2.12
N GLY B 131 10.21 10.50 1.36
CA GLY B 131 10.95 11.31 0.40
C GLY B 131 10.49 11.16 -1.00
N ARG B 132 10.96 12.14 -1.81
CA ARG B 132 10.85 12.12 -3.25
C ARG B 132 11.22 10.74 -3.83
N GLU B 133 10.44 10.33 -4.81
CA GLU B 133 10.50 8.93 -5.35
C GLU B 133 11.93 8.59 -5.99
N SER B 134 12.46 9.49 -6.81
CA SER B 134 13.62 9.17 -7.69
C SER B 134 14.99 9.33 -6.93
N VAL B 135 14.96 9.78 -5.67
CA VAL B 135 16.17 10.05 -4.87
C VAL B 135 16.10 9.47 -3.48
N GLY B 136 17.28 9.26 -2.89
CA GLY B 136 17.44 8.83 -1.53
C GLY B 136 17.05 9.89 -0.52
N LEU B 137 16.97 9.53 0.77
CA LEU B 137 16.73 10.58 1.77
C LEU B 137 17.90 11.59 1.67
N THR B 138 17.59 12.86 1.83
CA THR B 138 18.66 13.86 1.86
C THR B 138 19.38 13.87 3.17
N ARG B 139 20.55 14.52 3.21
CA ARG B 139 21.29 14.60 4.44
C ARG B 139 20.47 15.34 5.52
N GLU B 140 19.76 16.38 5.10
CA GLU B 140 18.88 17.11 6.02
C GLU B 140 17.83 16.27 6.63
N GLU B 141 17.15 15.48 5.81
CA GLU B 141 16.10 14.61 6.31
C GLU B 141 16.67 13.61 7.32
N ILE B 142 17.81 13.05 7.03
CA ILE B 142 18.42 12.10 7.92
C ILE B 142 18.84 12.78 9.22
N ALA B 143 19.44 13.94 9.10
CA ALA B 143 19.91 14.66 10.30
C ALA B 143 18.77 14.98 11.28
N LYS B 144 17.62 15.32 10.72
CA LYS B 144 16.45 15.75 11.49
C LYS B 144 15.66 14.57 12.05
N SER B 145 15.97 13.36 11.64
N SER B 145 15.94 13.37 11.58
CA SER B 145 15.16 12.22 12.02
CA SER B 145 15.21 12.19 12.04
C SER B 145 15.66 11.47 13.27
C SER B 145 15.67 11.70 13.41
N ASP B 146 14.73 11.21 14.20
CA ASP B 146 15.02 10.52 15.42
C ASP B 146 15.15 9.01 15.21
N PHE B 147 14.36 8.52 14.23
CA PHE B 147 14.43 7.13 13.82
C PHE B 147 14.35 7.01 12.30
N LEU B 148 14.97 5.95 11.80
CA LEU B 148 14.91 5.57 10.40
C LEU B 148 14.15 4.26 10.30
N LEU B 149 13.08 4.28 9.50
N LEU B 149 13.08 4.28 9.50
CA LEU B 149 12.15 3.17 9.41
CA LEU B 149 12.16 3.15 9.39
C LEU B 149 12.32 2.46 8.05
C LEU B 149 12.34 2.45 8.04
N PHE B 150 12.43 1.13 8.08
CA PHE B 150 12.41 0.30 6.87
C PHE B 150 11.24 -0.66 6.88
N ILE B 151 10.65 -0.87 5.70
CA ILE B 151 9.58 -1.84 5.57
C ILE B 151 10.20 -3.20 5.21
N PRO B 152 9.85 -4.25 5.99
CA PRO B 152 10.41 -5.57 5.66
C PRO B 152 9.97 -5.99 4.26
N ALA B 153 10.94 -6.38 3.43
CA ALA B 153 10.69 -6.68 2.00
C ALA B 153 11.82 -7.53 1.41
N ASN B 154 11.63 -7.97 0.20
CA ASN B 154 12.65 -8.70 -0.58
C ASN B 154 13.96 -7.93 -0.61
N PRO B 155 15.05 -8.53 -0.09
CA PRO B 155 16.35 -7.82 -0.11
C PRO B 155 16.81 -7.40 -1.53
N GLU B 156 16.44 -8.18 -2.54
CA GLU B 156 16.77 -7.89 -3.92
C GLU B 156 15.92 -6.82 -4.53
N TYR B 157 14.72 -6.60 -3.94
N TYR B 157 14.74 -6.59 -3.95
CA TYR B 157 13.80 -5.58 -4.44
CA TYR B 157 13.92 -5.52 -4.42
C TYR B 157 13.10 -4.89 -3.25
C TYR B 157 13.15 -4.89 -3.26
N PRO B 158 13.86 -4.13 -2.43
CA PRO B 158 13.31 -3.68 -1.16
C PRO B 158 12.57 -2.37 -1.21
N VAL B 159 12.58 -1.72 -2.37
CA VAL B 159 12.07 -0.32 -2.49
C VAL B 159 10.61 -0.35 -2.89
N LEU B 160 9.76 0.07 -1.97
CA LEU B 160 8.36 0.20 -2.27
C LEU B 160 8.08 1.52 -2.98
N ASN B 161 7.12 1.53 -3.89
CA ASN B 161 6.60 2.81 -4.40
C ASN B 161 6.14 3.66 -3.24
N LEU B 162 6.42 4.98 -3.33
CA LEU B 162 6.12 5.91 -2.26
C LEU B 162 4.74 5.73 -1.62
N SER B 163 3.68 5.77 -2.44
CA SER B 163 2.35 5.73 -1.88
C SER B 163 2.01 4.41 -1.21
N HIS B 164 2.62 3.33 -1.67
CA HIS B 164 2.41 2.01 -1.07
C HIS B 164 3.14 1.87 0.26
N ALA B 165 4.34 2.48 0.35
CA ALA B 165 5.04 2.57 1.63
C ALA B 165 4.23 3.38 2.65
N VAL B 166 3.68 4.51 2.23
CA VAL B 166 2.84 5.31 3.05
C VAL B 166 1.66 4.47 3.55
N GLY B 167 1.01 3.79 2.62
CA GLY B 167 -0.19 3.01 3.00
C GLY B 167 0.11 1.94 4.06
N ILE B 168 1.26 1.26 3.88
CA ILE B 168 1.71 0.24 4.85
C ILE B 168 1.93 0.82 6.24
N VAL B 169 2.60 1.95 6.31
CA VAL B 169 2.91 2.59 7.61
C VAL B 169 1.61 3.07 8.24
N LEU B 170 0.76 3.75 7.49
CA LEU B 170 -0.55 4.21 8.00
C LEU B 170 -1.41 3.06 8.50
N TYR B 171 -1.40 1.97 7.76
CA TYR B 171 -2.10 0.78 8.12
C TYR B 171 -1.63 0.24 9.48
N GLU B 172 -0.33 0.14 9.67
CA GLU B 172 0.20 -0.34 10.93
C GLU B 172 -0.24 0.59 12.07
N LEU B 173 -0.23 1.90 11.82
CA LEU B 173 -0.61 2.85 12.87
C LEU B 173 -2.05 2.62 13.24
N TRP B 174 -2.88 2.38 12.24
CA TRP B 174 -4.32 2.17 12.42
C TRP B 174 -4.58 0.85 13.14
N ARG B 175 -3.86 -0.19 12.74
CA ARG B 175 -3.99 -1.59 13.23
C ARG B 175 -3.80 -1.57 14.77
N ASN B 176 -2.88 -0.70 15.20
CA ASN B 176 -2.46 -0.58 16.59
C ASN B 176 -3.56 0.06 17.46
C1 GOL C . -19.68 -12.50 -13.48
O1 GOL C . -20.50 -11.57 -12.92
C2 GOL C . -18.66 -12.98 -12.41
O2 GOL C . -19.25 -13.44 -11.17
C3 GOL C . -17.80 -14.08 -13.01
O3 GOL C . -16.66 -14.41 -12.23
C1 PEG D . -15.89 -6.63 -2.93
O1 PEG D . -14.44 -6.89 -3.40
C2 PEG D . -16.22 -5.26 -2.35
O2 PEG D . -15.02 -4.51 -2.50
C3 PEG D . -14.84 -3.23 -1.97
C4 PEG D . -14.20 -2.30 -2.96
O4 PEG D . -14.88 -2.42 -4.19
CS MTA E . -11.31 0.08 -4.51
S5' MTA E . -11.95 -1.58 -4.23
C5' MTA E . -11.04 -2.63 -5.29
C4' MTA E . -10.57 -3.84 -4.52
O4' MTA E . -9.65 -3.48 -3.51
C2' MTA E . -10.87 -5.31 -2.76
O2' MTA E . -10.29 -6.44 -3.42
C3' MTA E . -11.67 -4.59 -3.81
O3' MTA E . -12.33 -5.55 -4.62
C1' MTA E . -9.80 -4.31 -2.40
N9 MTA E . -10.12 -3.48 -1.19
C8 MTA E . -10.31 -2.14 -1.14
N7 MTA E . -10.54 -1.71 0.16
C5 MTA E . -10.45 -2.77 0.93
C6 MTA E . -10.57 -3.00 2.40
N6 MTA E . -10.79 -2.03 3.32
N1 MTA E . -10.47 -4.27 2.76
C2 MTA E . -10.17 -5.25 1.90
N3 MTA E . -10.05 -5.12 0.58
C4 MTA E . -10.16 -3.91 0.05
C1 GOL F . 14.73 -5.38 3.39
O1 GOL F . 15.27 -6.56 2.78
C2 GOL F . 14.59 -5.67 4.87
O2 GOL F . 13.52 -6.60 5.07
C3 GOL F . 14.25 -4.38 5.59
O3 GOL F . 15.31 -3.48 5.47
#